data_8TGF
#
_entry.id   8TGF
#
_cell.length_a   33.991
_cell.length_b   37.952
_cell.length_c   45.177
_cell.angle_alpha   90.000
_cell.angle_beta   100.102
_cell.angle_gamma   90.000
#
_symmetry.space_group_name_H-M   'P 1 21 1'
#
loop_
_entity.id
_entity.type
_entity.pdbx_description
1 polymer 'Protein lgg-1'
2 polymer 'Ectopic P granules protein 5'
3 non-polymer 'ACETATE ION'
4 water water
#
loop_
_entity_poly.entity_id
_entity_poly.type
_entity_poly.pdbx_seq_one_letter_code
_entity_poly.pdbx_strand_id
1 'polypeptide(L)'
;GSMKWAYKEENNFEKRRAEGDKIRRKYPDRIPVIVEKAPKSKLHDLDKKKYLVPSDLTVGQFYFLIRKRIQLRPEDALFF
FVNNVIPQTMTTMGQLYQDHHEEDLFLYIAYSDESVYGGEVEKKE
;
A
2 'polypeptide(L)' STWEILADDDD B
#
# COMPACT_ATOMS: atom_id res chain seq x y z
N MET A 3 14.39 -0.26 5.84
CA MET A 3 13.99 -0.29 4.43
C MET A 3 13.80 1.10 3.89
N LYS A 4 14.44 1.42 2.76
CA LYS A 4 14.17 2.69 2.11
C LYS A 4 13.21 2.47 0.94
N TRP A 5 12.24 3.37 0.84
CA TRP A 5 11.14 3.31 -0.13
C TRP A 5 11.49 4.16 -1.33
N ALA A 6 11.49 3.54 -2.52
CA ALA A 6 11.71 4.31 -3.74
C ALA A 6 10.80 5.54 -3.82
N TYR A 7 9.54 5.41 -3.41
CA TYR A 7 8.60 6.53 -3.48
C TYR A 7 9.11 7.72 -2.67
N LYS A 8 9.70 7.44 -1.52
CA LYS A 8 10.21 8.51 -0.68
C LYS A 8 11.56 9.03 -1.16
N GLU A 9 12.36 8.19 -1.82
CA GLU A 9 13.61 8.70 -2.39
C GLU A 9 13.33 9.65 -3.54
N GLU A 10 12.23 9.41 -4.26
CA GLU A 10 11.87 10.20 -5.43
C GLU A 10 11.11 11.47 -5.08
N ASN A 11 10.38 11.48 -3.97
CA ASN A 11 9.47 12.55 -3.62
C ASN A 11 9.71 12.95 -2.17
N ASN A 12 10.12 14.19 -1.94
CA ASN A 12 10.27 14.62 -0.55
C ASN A 12 8.90 14.78 0.13
N PHE A 13 8.96 15.08 1.44
CA PHE A 13 7.72 15.10 2.21
C PHE A 13 6.75 16.13 1.65
N GLU A 14 7.25 17.28 1.18
CA GLU A 14 6.37 18.29 0.61
C GLU A 14 5.55 17.69 -0.51
N LYS A 15 6.22 17.00 -1.44
CA LYS A 15 5.54 16.44 -2.62
C LYS A 15 4.55 15.36 -2.22
N ARG A 16 4.94 14.49 -1.29
CA ARG A 16 4.06 13.41 -0.87
C ARG A 16 2.83 13.95 -0.14
N ARG A 17 3.05 14.84 0.83
CA ARG A 17 1.92 15.38 1.57
C ARG A 17 0.99 16.19 0.68
N ALA A 18 1.53 16.95 -0.29
CA ALA A 18 0.64 17.71 -1.17
C ALA A 18 -0.30 16.77 -1.91
N GLU A 19 0.25 15.68 -2.42
CA GLU A 19 -0.56 14.65 -3.09
C GLU A 19 -1.49 13.96 -2.11
N GLY A 20 -1.01 13.64 -0.91
CA GLY A 20 -1.89 13.02 0.05
C GLY A 20 -3.07 13.91 0.41
N ASP A 21 -2.82 15.22 0.55
CA ASP A 21 -3.93 16.16 0.82
C ASP A 21 -4.96 16.10 -0.30
N LYS A 22 -4.51 16.14 -1.56
CA LYS A 22 -5.42 16.14 -2.68
C LYS A 22 -6.21 14.84 -2.77
N ILE A 23 -5.51 13.71 -2.64
CA ILE A 23 -6.18 12.42 -2.70
C ILE A 23 -7.21 12.31 -1.59
N ARG A 24 -6.88 12.78 -0.38
CA ARG A 24 -7.88 12.62 0.67
CA ARG A 24 -7.83 12.76 0.74
C ARG A 24 -9.10 13.51 0.41
N ARG A 25 -8.95 14.64 -0.27
CA ARG A 25 -10.11 15.47 -0.61
C ARG A 25 -10.93 14.85 -1.74
N LYS A 26 -10.28 14.29 -2.76
CA LYS A 26 -11.01 13.81 -3.93
C LYS A 26 -11.44 12.35 -3.82
N TYR A 27 -10.83 11.57 -2.92
CA TYR A 27 -11.19 10.17 -2.71
C TYR A 27 -11.49 9.84 -1.26
N PRO A 28 -12.53 10.44 -0.67
CA PRO A 28 -12.86 10.11 0.71
C PRO A 28 -13.11 8.63 0.90
N ASP A 29 -13.61 7.96 -0.13
CA ASP A 29 -14.02 6.57 -0.10
C ASP A 29 -12.87 5.60 -0.23
N ARG A 30 -11.69 6.09 -0.60
CA ARG A 30 -10.60 5.21 -0.96
C ARG A 30 -9.39 5.53 -0.09
N ILE A 31 -8.50 4.55 -0.02
CA ILE A 31 -7.33 4.53 0.84
C ILE A 31 -6.10 4.54 -0.07
N PRO A 32 -5.20 5.52 0.01
CA PRO A 32 -3.98 5.50 -0.81
C PRO A 32 -2.89 4.65 -0.17
N VAL A 33 -2.35 3.72 -0.96
CA VAL A 33 -1.38 2.75 -0.48
C VAL A 33 -0.17 2.73 -1.40
N ILE A 34 1.01 2.84 -0.82
CA ILE A 34 2.27 2.63 -1.52
C ILE A 34 2.75 1.23 -1.16
N VAL A 35 3.00 0.38 -2.16
CA VAL A 35 3.41 -1.01 -1.95
C VAL A 35 4.77 -1.22 -2.57
N GLU A 36 5.73 -1.70 -1.77
CA GLU A 36 7.08 -1.99 -2.25
C GLU A 36 7.60 -3.29 -1.65
N LYS A 37 8.48 -3.94 -2.39
CA LYS A 37 9.01 -5.21 -1.96
C LYS A 37 10.10 -4.97 -0.92
N ALA A 38 10.10 -5.80 0.12
CA ALA A 38 11.24 -5.80 1.04
C ALA A 38 12.51 -6.05 0.24
N PRO A 39 13.58 -5.31 0.50
CA PRO A 39 14.69 -5.28 -0.47
C PRO A 39 15.35 -6.63 -0.70
N LYS A 40 15.40 -7.47 0.34
CA LYS A 40 16.13 -8.73 0.27
C LYS A 40 15.22 -9.91 -0.08
N SER A 41 13.95 -9.65 -0.37
CA SER A 41 13.05 -10.71 -0.80
C SER A 41 13.36 -11.14 -2.23
N LYS A 42 13.29 -12.45 -2.47
CA LYS A 42 13.45 -13.03 -3.79
C LYS A 42 12.24 -12.80 -4.69
N LEU A 43 11.15 -12.25 -4.17
CA LEU A 43 9.95 -12.12 -4.98
C LEU A 43 10.13 -11.08 -6.08
N HIS A 44 9.21 -11.11 -7.06
CA HIS A 44 9.26 -10.13 -8.13
C HIS A 44 8.96 -8.74 -7.59
N ASP A 45 9.75 -7.76 -8.04
CA ASP A 45 9.50 -6.38 -7.66
C ASP A 45 8.30 -5.84 -8.42
N LEU A 46 7.54 -4.99 -7.74
CA LEU A 46 6.31 -4.41 -8.28
C LEU A 46 6.66 -3.07 -8.92
N ASP A 47 6.39 -2.93 -10.22
CA ASP A 47 6.68 -1.63 -10.82
C ASP A 47 5.56 -0.64 -10.51
N LYS A 48 4.31 -1.06 -10.63
CA LYS A 48 3.18 -0.20 -10.27
C LYS A 48 2.93 -0.31 -8.77
N LYS A 49 3.21 0.75 -8.03
CA LYS A 49 3.26 0.70 -6.58
C LYS A 49 2.26 1.59 -5.85
N LYS A 50 1.44 2.36 -6.56
CA LYS A 50 0.54 3.34 -5.95
C LYS A 50 -0.90 2.95 -6.23
N TYR A 51 -1.66 2.65 -5.17
CA TYR A 51 -3.01 2.09 -5.30
C TYR A 51 -4.00 2.91 -4.51
N LEU A 52 -5.20 3.04 -5.04
CA LEU A 52 -6.33 3.66 -4.35
C LEU A 52 -7.38 2.59 -4.16
N VAL A 53 -7.58 2.15 -2.93
CA VAL A 53 -8.38 0.95 -2.70
C VAL A 53 -9.61 1.33 -1.89
N PRO A 54 -10.74 0.66 -2.10
CA PRO A 54 -11.92 0.97 -1.29
C PRO A 54 -11.63 0.75 0.18
N SER A 55 -12.16 1.63 1.02
CA SER A 55 -11.86 1.51 2.44
C SER A 55 -12.44 0.25 3.05
N ASP A 56 -13.48 -0.31 2.42
CA ASP A 56 -14.09 -1.54 2.89
C ASP A 56 -13.38 -2.80 2.38
N LEU A 57 -12.44 -2.67 1.44
CA LEU A 57 -11.65 -3.82 1.01
C LEU A 57 -10.84 -4.33 2.20
N THR A 58 -10.76 -5.66 2.37
CA THR A 58 -9.94 -6.18 3.46
C THR A 58 -8.52 -6.44 3.00
N VAL A 59 -7.63 -6.56 3.99
CA VAL A 59 -6.24 -6.95 3.76
C VAL A 59 -6.18 -8.20 2.88
N GLY A 60 -7.00 -9.20 3.22
CA GLY A 60 -6.99 -10.43 2.44
C GLY A 60 -7.41 -10.25 0.99
N GLN A 61 -8.40 -9.38 0.75
CA GLN A 61 -8.72 -9.04 -0.62
C GLN A 61 -7.53 -8.34 -1.31
N PHE A 62 -6.79 -7.52 -0.56
CA PHE A 62 -5.65 -6.83 -1.13
C PHE A 62 -4.53 -7.80 -1.46
N TYR A 63 -4.33 -8.82 -0.60
CA TYR A 63 -3.39 -9.88 -0.92
C TYR A 63 -3.75 -10.53 -2.26
N PHE A 64 -5.04 -10.84 -2.45
CA PHE A 64 -5.50 -11.48 -3.68
C PHE A 64 -5.19 -10.62 -4.90
N LEU A 65 -5.45 -9.32 -4.79
CA LEU A 65 -5.22 -8.48 -5.95
C LEU A 65 -3.73 -8.28 -6.21
N ILE A 66 -2.95 -8.04 -5.15
CA ILE A 66 -1.51 -7.82 -5.32
C ILE A 66 -0.84 -9.10 -5.79
N ARG A 67 -1.25 -10.26 -5.26
CA ARG A 67 -0.69 -11.52 -5.73
C ARG A 67 -0.88 -11.67 -7.21
N LYS A 68 -2.04 -11.20 -7.71
CA LYS A 68 -2.37 -11.28 -9.11
C LYS A 68 -1.41 -10.49 -9.99
N ARG A 69 -0.64 -9.57 -9.39
CA ARG A 69 0.31 -8.76 -10.10
C ARG A 69 1.76 -9.11 -9.78
N ILE A 70 1.99 -10.08 -8.92
CA ILE A 70 3.34 -10.39 -8.45
C ILE A 70 3.84 -11.74 -8.94
N GLN A 71 2.96 -12.69 -9.26
CA GLN A 71 3.37 -13.99 -9.75
C GLN A 71 4.06 -14.79 -8.64
N GLU A 75 3.76 -21.35 -5.54
CA GLU A 75 4.30 -22.10 -4.41
C GLU A 75 4.85 -21.22 -3.29
N ASP A 76 5.07 -19.93 -3.56
CA ASP A 76 5.74 -19.06 -2.60
C ASP A 76 4.76 -18.33 -1.68
N ALA A 77 5.19 -18.13 -0.44
CA ALA A 77 4.39 -17.40 0.55
C ALA A 77 4.52 -15.90 0.37
N LEU A 78 3.44 -15.17 0.68
CA LEU A 78 3.43 -13.72 0.57
C LEU A 78 2.99 -13.14 1.91
N PHE A 79 3.76 -12.20 2.44
CA PHE A 79 3.43 -11.53 3.70
C PHE A 79 3.51 -10.04 3.52
N PHE A 80 2.55 -9.33 4.11
CA PHE A 80 2.54 -7.88 4.19
C PHE A 80 3.08 -7.44 5.54
N PHE A 81 3.86 -6.37 5.52
CA PHE A 81 4.36 -5.71 6.73
C PHE A 81 3.97 -4.24 6.68
N VAL A 82 3.34 -3.76 7.75
CA VAL A 82 3.00 -2.36 7.90
C VAL A 82 3.54 -1.92 9.25
N ASN A 83 4.43 -0.91 9.25
CA ASN A 83 5.10 -0.50 10.52
C ASN A 83 5.59 -1.72 11.32
N ASN A 84 6.20 -2.67 10.60
CA ASN A 84 6.86 -3.84 11.15
C ASN A 84 5.93 -4.88 11.77
N VAL A 85 4.63 -4.83 11.51
CA VAL A 85 3.74 -5.87 12.00
C VAL A 85 3.02 -6.44 10.80
N ILE A 86 2.60 -7.70 10.89
CA ILE A 86 1.84 -8.35 9.83
C ILE A 86 0.37 -8.19 10.19
N PRO A 87 -0.43 -7.59 9.33
CA PRO A 87 -1.83 -7.30 9.67
C PRO A 87 -2.66 -8.58 9.57
N GLN A 88 -3.84 -8.52 10.15
CA GLN A 88 -4.81 -9.61 10.03
C GLN A 88 -5.52 -9.52 8.71
N THR A 89 -5.83 -10.68 8.11
CA THR A 89 -6.38 -10.62 6.75
C THR A 89 -7.77 -10.05 6.74
N MET A 90 -8.48 -10.10 7.86
CA MET A 90 -9.86 -9.68 7.86
C MET A 90 -10.01 -8.19 8.17
N THR A 91 -8.89 -7.50 8.45
CA THR A 91 -8.94 -6.08 8.76
C THR A 91 -9.24 -5.29 7.50
N THR A 92 -10.08 -4.27 7.63
CA THR A 92 -10.32 -3.48 6.43
C THR A 92 -9.17 -2.52 6.17
N MET A 93 -9.03 -2.16 4.89
CA MET A 93 -7.99 -1.21 4.53
C MET A 93 -8.27 0.16 5.13
N GLY A 94 -9.54 0.50 5.37
CA GLY A 94 -9.85 1.75 6.05
C GLY A 94 -9.34 1.79 7.49
N GLN A 95 -9.52 0.69 8.20
CA GLN A 95 -9.00 0.62 9.58
C GLN A 95 -7.49 0.58 9.57
N LEU A 96 -6.92 -0.23 8.67
CA LEU A 96 -5.48 -0.31 8.59
C LEU A 96 -4.90 1.06 8.33
N TYR A 97 -5.49 1.81 7.39
CA TYR A 97 -5.04 3.17 7.13
C TYR A 97 -5.08 4.05 8.39
N GLN A 98 -6.19 4.05 9.12
CA GLN A 98 -6.27 4.87 10.32
C GLN A 98 -5.12 4.59 11.28
N ASP A 99 -4.83 3.30 11.50
CA ASP A 99 -3.82 2.93 12.48
C ASP A 99 -2.42 3.14 11.98
N HIS A 100 -2.19 3.10 10.66
CA HIS A 100 -0.83 2.93 10.18
C HIS A 100 -0.35 4.02 9.26
N HIS A 101 -1.23 4.91 8.81
CA HIS A 101 -0.79 5.88 7.82
C HIS A 101 0.28 6.80 8.42
N GLU A 102 1.16 7.27 7.53
CA GLU A 102 2.19 8.23 7.92
C GLU A 102 1.67 9.63 7.80
N GLU A 103 2.52 10.60 8.21
CA GLU A 103 2.09 11.98 8.25
C GLU A 103 1.96 12.63 6.87
N ASP A 104 2.44 11.97 5.81
CA ASP A 104 2.12 12.44 4.47
C ASP A 104 0.75 11.96 4.00
N LEU A 105 0.02 11.26 4.88
CA LEU A 105 -1.33 10.76 4.64
C LEU A 105 -1.38 9.54 3.73
N PHE A 106 -0.26 8.87 3.52
CA PHE A 106 -0.21 7.62 2.77
C PHE A 106 0.00 6.43 3.71
N LEU A 107 -0.45 5.27 3.27
CA LEU A 107 -0.23 3.99 3.95
C LEU A 107 0.84 3.24 3.16
N TYR A 108 1.89 2.79 3.85
CA TYR A 108 3.01 2.08 3.24
C TYR A 108 2.98 0.61 3.64
N ILE A 109 2.95 -0.28 2.65
CA ILE A 109 2.93 -1.72 2.89
C ILE A 109 4.11 -2.32 2.16
N ALA A 110 4.92 -3.07 2.88
CA ALA A 110 6.04 -3.81 2.31
C ALA A 110 5.62 -5.27 2.19
N TYR A 111 6.21 -5.98 1.21
CA TYR A 111 5.86 -7.37 1.08
C TYR A 111 7.12 -8.22 0.94
N SER A 112 7.02 -9.44 1.44
CA SER A 112 8.15 -10.35 1.48
C SER A 112 7.64 -11.77 1.40
N ASP A 113 8.57 -12.70 1.17
CA ASP A 113 8.23 -14.12 1.13
C ASP A 113 8.50 -14.79 2.47
N GLU A 114 9.05 -14.07 3.44
CA GLU A 114 9.36 -14.60 4.75
C GLU A 114 8.64 -13.80 5.82
N SER A 115 8.11 -14.51 6.82
CA SER A 115 7.41 -13.90 7.94
C SER A 115 8.32 -13.04 8.78
N SER B 1 4.72 7.70 -11.41
CA SER B 1 3.69 7.09 -12.24
C SER B 1 2.29 7.38 -11.71
N THR B 2 1.28 6.94 -12.47
CA THR B 2 -0.09 7.33 -12.17
C THR B 2 -0.70 6.48 -11.06
N TRP B 3 -1.42 7.14 -10.14
CA TRP B 3 -2.18 6.40 -9.14
C TRP B 3 -3.19 5.45 -9.79
N GLU B 4 -3.37 4.27 -9.17
CA GLU B 4 -4.17 3.21 -9.78
C GLU B 4 -5.36 2.90 -8.91
N ILE B 5 -6.56 3.23 -9.40
CA ILE B 5 -7.78 2.77 -8.77
C ILE B 5 -7.78 1.27 -8.83
N LEU B 6 -7.98 0.61 -7.69
CA LEU B 6 -7.91 -0.84 -7.61
C LEU B 6 -9.24 -1.37 -7.10
N ALA B 7 -9.90 -2.21 -7.93
CA ALA B 7 -11.20 -2.77 -7.61
C ALA B 7 -12.29 -1.73 -7.78
N ASP B 8 -13.47 -2.20 -8.22
CA ASP B 8 -14.52 -1.26 -8.61
C ASP B 8 -15.16 -0.61 -7.39
N ASP B 9 -15.93 0.44 -7.68
CA ASP B 9 -16.70 1.14 -6.65
C ASP B 9 -17.79 0.21 -6.14
#